data_3UHO
#
_entry.id   3UHO
#
_cell.length_a   139.308
_cell.length_b   74.384
_cell.length_c   50.144
_cell.angle_alpha   90.00
_cell.angle_beta   96.53
_cell.angle_gamma   90.00
#
_symmetry.space_group_name_H-M   'C 1 2 1'
#
loop_
_entity.id
_entity.type
_entity.pdbx_description
1 polymer 'Glutamate racemase'
2 non-polymer 'D-GLUTAMIC ACID'
3 non-polymer 1,2-ETHANEDIOL
4 non-polymer 'CALCIUM ION'
5 non-polymer 'CHLORIDE ION'
6 water water
#
_entity_poly.entity_id   1
_entity_poly.type   'polypeptide(L)'
_entity_poly.pdbx_seq_one_letter_code
;MHHHHHHSSGVDLGTENLYFQSNAMKIGVFDSGVGGLSVLKSLYEARLFDEIIYYGDTARVPYGVKDKDTIIKFCLEALD
FFEQFQIDMLIIACNTASAYALDALRAKAHFPVYGVIDAGVEATIKALHDKNKEILVIATKATIKSEEYQKRLLSQGYTN
INALATGLFVPMVEEGIFEGDFLQSAMEYYFKNITTPDALILACTHFPLLGRSLSKYFGDKTKLIHSGDAIVEFLKEREN
IDLKNHKAKLHFYASSDVESLKNTAKIWLNLLRK
;
_entity_poly.pdbx_strand_id   A,B
#
loop_
_chem_comp.id
_chem_comp.type
_chem_comp.name
_chem_comp.formula
CA non-polymer 'CALCIUM ION' 'Ca 2'
CL non-polymer 'CHLORIDE ION' 'Cl -1'
EDO non-polymer 1,2-ETHANEDIOL 'C2 H6 O2'
#
# COMPACT_ATOMS: atom_id res chain seq x y z
N MET A 25 5.85 -13.75 -31.95
CA MET A 25 4.94 -12.98 -31.10
C MET A 25 5.57 -12.62 -29.75
N LYS A 26 6.09 -11.40 -29.66
CA LYS A 26 6.62 -10.87 -28.41
C LYS A 26 5.69 -9.79 -27.86
N ILE A 27 5.15 -10.01 -26.67
CA ILE A 27 4.26 -9.02 -26.09
C ILE A 27 4.79 -8.45 -24.78
N GLY A 28 4.18 -7.35 -24.36
CA GLY A 28 4.47 -6.75 -23.07
C GLY A 28 3.29 -6.93 -22.12
N VAL A 29 3.59 -7.03 -20.83
CA VAL A 29 2.55 -7.11 -19.82
C VAL A 29 2.89 -6.07 -18.76
N PHE A 30 1.98 -5.13 -18.55
CA PHE A 30 2.20 -4.11 -17.54
C PHE A 30 1.30 -4.31 -16.32
N ASP A 31 1.90 -4.21 -15.14
CA ASP A 31 1.13 -4.13 -13.91
C ASP A 31 1.76 -3.13 -12.94
N SER A 32 0.95 -2.62 -12.02
CA SER A 32 1.40 -1.66 -11.02
C SER A 32 2.49 -2.25 -10.12
N GLY A 33 2.55 -3.57 -10.03
CA GLY A 33 3.54 -4.21 -9.21
C GLY A 33 3.62 -5.71 -9.41
N VAL A 34 3.42 -6.47 -8.33
CA VAL A 34 3.59 -7.91 -8.37
C VAL A 34 2.30 -8.68 -8.70
N GLY A 35 1.16 -8.05 -8.49
CA GLY A 35 -0.13 -8.73 -8.64
C GLY A 35 -0.42 -9.22 -10.05
N GLY A 36 0.11 -8.53 -11.04
CA GLY A 36 -0.13 -8.86 -12.43
C GLY A 36 0.40 -10.22 -12.85
N LEU A 37 1.15 -10.86 -11.96
CA LEU A 37 1.65 -12.21 -12.21
C LEU A 37 0.49 -13.21 -12.34
N SER A 38 -0.67 -12.85 -11.78
CA SER A 38 -1.84 -13.72 -11.92
C SER A 38 -2.28 -13.76 -13.38
N VAL A 39 -2.20 -12.60 -14.03
CA VAL A 39 -2.54 -12.48 -15.45
C VAL A 39 -1.46 -13.11 -16.32
N LEU A 40 -0.20 -12.90 -15.94
CA LEU A 40 0.92 -13.47 -16.66
C LEU A 40 0.84 -14.98 -16.68
N LYS A 41 0.55 -15.58 -15.53
CA LYS A 41 0.38 -17.03 -15.40
C LYS A 41 -0.65 -17.55 -16.40
N SER A 42 -1.75 -16.82 -16.54
CA SER A 42 -2.78 -17.19 -17.50
C SER A 42 -2.23 -17.17 -18.93
N LEU A 43 -1.56 -16.07 -19.29
CA LEU A 43 -1.03 -15.90 -20.64
C LEU A 43 0.09 -16.91 -20.90
N TYR A 44 0.85 -17.21 -19.85
CA TYR A 44 1.97 -18.14 -19.92
C TYR A 44 1.47 -19.55 -20.21
N GLU A 45 0.53 -20.01 -19.40
CA GLU A 45 0.02 -21.38 -19.51
C GLU A 45 -0.84 -21.59 -20.75
N ALA A 46 -1.38 -20.50 -21.30
CA ALA A 46 -2.22 -20.60 -22.48
C ALA A 46 -1.37 -20.86 -23.73
N ARG A 47 -0.07 -20.60 -23.62
CA ARG A 47 0.87 -20.79 -24.70
C ARG A 47 0.46 -20.02 -25.96
N LEU A 48 0.36 -18.71 -25.84
CA LEU A 48 -0.04 -17.88 -26.96
C LEU A 48 1.14 -17.15 -27.58
N PHE A 49 2.23 -17.04 -26.82
CA PHE A 49 3.33 -16.18 -27.24
C PHE A 49 4.70 -16.86 -27.16
N ASP A 50 5.63 -16.41 -28.00
CA ASP A 50 7.01 -16.87 -27.95
C ASP A 50 7.74 -16.23 -26.79
N GLU A 51 7.37 -15.00 -26.48
CA GLU A 51 8.11 -14.20 -25.51
C GLU A 51 7.22 -13.17 -24.85
N ILE A 52 7.45 -12.94 -23.56
CA ILE A 52 6.65 -12.00 -22.79
C ILE A 52 7.55 -11.14 -21.90
N ILE A 53 7.39 -9.82 -21.99
CA ILE A 53 8.10 -8.90 -21.14
C ILE A 53 7.17 -8.39 -20.04
N TYR A 54 7.47 -8.75 -18.79
CA TYR A 54 6.66 -8.29 -17.67
C TYR A 54 7.32 -7.10 -16.98
N TYR A 55 6.61 -5.99 -16.88
CA TYR A 55 7.11 -4.84 -16.15
C TYR A 55 6.19 -4.49 -14.97
N GLY A 56 6.76 -4.45 -13.77
CA GLY A 56 6.00 -4.05 -12.60
C GLY A 56 6.52 -2.74 -12.05
N ASP A 57 5.62 -1.81 -11.77
CA ASP A 57 6.03 -0.53 -11.20
C ASP A 57 6.09 -0.65 -9.68
N THR A 58 6.94 -1.56 -9.21
CA THR A 58 6.99 -1.93 -7.80
C THR A 58 7.44 -0.78 -6.89
N ALA A 59 8.14 0.21 -7.46
CA ALA A 59 8.58 1.36 -6.69
C ALA A 59 7.41 2.25 -6.27
N ARG A 60 6.30 2.17 -6.99
CA ARG A 60 5.18 3.09 -6.75
C ARG A 60 3.84 2.41 -6.46
N VAL A 61 3.83 1.08 -6.51
CA VAL A 61 2.64 0.30 -6.18
C VAL A 61 2.23 0.67 -4.74
N PRO A 62 0.92 0.69 -4.43
CA PRO A 62 -0.25 0.40 -5.26
C PRO A 62 -0.74 1.61 -6.04
N TYR A 63 -1.63 1.36 -7.00
CA TYR A 63 -2.28 2.40 -7.78
C TYR A 63 -3.72 2.55 -7.32
N GLY A 64 -4.24 1.47 -6.75
CA GLY A 64 -5.65 1.34 -6.42
C GLY A 64 -6.22 2.39 -5.48
N VAL A 65 -5.38 2.96 -4.63
CA VAL A 65 -5.85 3.95 -3.66
C VAL A 65 -5.44 5.36 -4.05
N LYS A 66 -4.95 5.51 -5.28
CA LYS A 66 -4.52 6.81 -5.77
C LYS A 66 -5.47 7.38 -6.82
N ASP A 67 -5.16 8.58 -7.30
CA ASP A 67 -6.09 9.31 -8.15
C ASP A 67 -5.89 9.04 -9.63
N LYS A 68 -6.94 9.35 -10.41
CA LYS A 68 -6.97 9.16 -11.86
C LYS A 68 -5.75 9.77 -12.57
N ASP A 69 -5.50 11.06 -12.34
CA ASP A 69 -4.40 11.76 -13.00
C ASP A 69 -3.06 11.10 -12.76
N THR A 70 -2.79 10.73 -11.51
CA THR A 70 -1.55 10.03 -11.16
C THR A 70 -1.41 8.71 -11.88
N ILE A 71 -2.50 7.93 -11.88
CA ILE A 71 -2.54 6.62 -12.51
C ILE A 71 -2.24 6.71 -14.00
N ILE A 72 -2.88 7.65 -14.69
CA ILE A 72 -2.66 7.85 -16.11
C ILE A 72 -1.21 8.25 -16.39
N LYS A 73 -0.69 9.15 -15.58
CA LYS A 73 0.69 9.61 -15.73
C LYS A 73 1.69 8.46 -15.58
N PHE A 74 1.45 7.59 -14.61
CA PHE A 74 2.36 6.48 -14.35
C PHE A 74 2.31 5.45 -15.46
N CYS A 75 1.13 5.30 -16.05
CA CYS A 75 0.93 4.34 -17.14
C CYS A 75 1.66 4.78 -18.40
N LEU A 76 1.67 6.08 -18.66
CA LEU A 76 2.34 6.62 -19.84
C LEU A 76 3.85 6.44 -19.69
N GLU A 77 4.34 6.54 -18.45
CA GLU A 77 5.76 6.30 -18.20
C GLU A 77 6.11 4.84 -18.46
N ALA A 78 5.17 3.95 -18.15
CA ALA A 78 5.36 2.53 -18.42
C ALA A 78 5.46 2.27 -19.91
N LEU A 79 4.59 2.91 -20.68
CA LEU A 79 4.59 2.77 -22.13
C LEU A 79 5.94 3.25 -22.68
N ASP A 80 6.48 4.29 -22.06
CA ASP A 80 7.80 4.81 -22.40
C ASP A 80 8.86 3.73 -22.17
N PHE A 81 8.74 3.00 -21.06
CA PHE A 81 9.69 1.96 -20.71
C PHE A 81 9.67 0.82 -21.73
N PHE A 82 8.48 0.48 -22.23
CA PHE A 82 8.32 -0.61 -23.18
C PHE A 82 8.82 -0.27 -24.59
N GLU A 83 9.11 1.00 -24.82
CA GLU A 83 9.57 1.46 -26.14
C GLU A 83 10.88 0.80 -26.58
N GLN A 84 11.62 0.25 -25.61
CA GLN A 84 12.95 -0.29 -25.88
C GLN A 84 12.94 -1.78 -26.24
N PHE A 85 11.75 -2.36 -26.44
CA PHE A 85 11.64 -3.81 -26.54
C PHE A 85 11.15 -4.40 -27.87
N GLN A 86 10.57 -3.56 -28.72
CA GLN A 86 9.97 -4.01 -29.98
C GLN A 86 8.87 -5.03 -29.76
N ILE A 87 7.89 -4.71 -28.93
CA ILE A 87 6.77 -5.62 -28.68
C ILE A 87 5.67 -5.45 -29.72
N ASP A 88 4.95 -6.53 -29.98
CA ASP A 88 3.87 -6.54 -30.97
C ASP A 88 2.55 -6.09 -30.36
N MET A 89 2.45 -6.19 -29.03
CA MET A 89 1.21 -5.92 -28.33
C MET A 89 1.46 -5.70 -26.82
N LEU A 90 0.68 -4.82 -26.20
CA LEU A 90 0.81 -4.59 -24.76
C LEU A 90 -0.48 -4.95 -24.04
N ILE A 91 -0.36 -5.78 -23.00
CA ILE A 91 -1.49 -6.09 -22.15
C ILE A 91 -1.35 -5.36 -20.82
N ILE A 92 -2.38 -4.60 -20.47
CA ILE A 92 -2.44 -3.95 -19.17
C ILE A 92 -3.08 -4.94 -18.20
N ALA A 93 -2.25 -5.65 -17.46
CA ALA A 93 -2.75 -6.63 -16.50
C ALA A 93 -3.55 -5.97 -15.39
N CYS A 94 -3.12 -4.77 -14.99
CA CYS A 94 -3.71 -4.05 -13.85
C CYS A 94 -5.13 -3.53 -14.13
N ASN A 95 -6.08 -3.92 -13.28
CA ASN A 95 -7.46 -3.46 -13.42
C ASN A 95 -7.61 -1.95 -13.20
N THR A 96 -6.91 -1.43 -12.20
CA THR A 96 -6.93 0.00 -11.91
C THR A 96 -6.45 0.80 -13.13
N ALA A 97 -5.27 0.45 -13.64
CA ALA A 97 -4.74 1.10 -14.83
C ALA A 97 -5.66 0.90 -16.05
N SER A 98 -6.24 -0.29 -16.17
CA SER A 98 -7.20 -0.56 -17.25
C SER A 98 -8.39 0.38 -17.13
N ALA A 99 -8.76 0.71 -15.89
CA ALA A 99 -9.92 1.55 -15.63
C ALA A 99 -9.79 3.00 -16.09
N TYR A 100 -8.57 3.54 -16.12
CA TYR A 100 -8.39 4.97 -16.41
C TYR A 100 -7.47 5.30 -17.59
N ALA A 101 -6.51 4.43 -17.90
CA ALA A 101 -5.42 4.80 -18.81
C ALA A 101 -5.49 4.27 -20.25
N LEU A 102 -6.45 3.40 -20.57
CA LEU A 102 -6.52 2.82 -21.91
C LEU A 102 -6.58 3.85 -23.04
N ASP A 103 -7.37 4.90 -22.84
CA ASP A 103 -7.52 5.94 -23.86
C ASP A 103 -6.19 6.64 -24.16
N ALA A 104 -5.47 7.01 -23.10
CA ALA A 104 -4.18 7.68 -23.27
C ALA A 104 -3.15 6.73 -23.86
N LEU A 105 -3.13 5.51 -23.34
CA LEU A 105 -2.17 4.51 -23.79
C LEU A 105 -2.34 4.20 -25.27
N ARG A 106 -3.59 4.15 -25.73
CA ARG A 106 -3.88 3.85 -27.12
C ARG A 106 -3.62 5.06 -28.01
N ALA A 107 -3.82 6.26 -27.47
CA ALA A 107 -3.53 7.45 -28.26
C ALA A 107 -2.04 7.56 -28.57
N LYS A 108 -1.20 7.03 -27.67
CA LYS A 108 0.25 7.13 -27.83
C LYS A 108 0.88 5.89 -28.49
N ALA A 109 0.45 4.71 -28.08
CA ALA A 109 1.04 3.47 -28.62
C ALA A 109 0.70 3.30 -30.09
N HIS A 110 1.52 2.56 -30.82
CA HIS A 110 1.24 2.27 -32.24
C HIS A 110 1.06 0.77 -32.44
N PHE A 111 0.94 0.05 -31.32
CA PHE A 111 0.62 -1.35 -31.34
C PHE A 111 -0.63 -1.54 -30.49
N PRO A 112 -1.38 -2.63 -30.73
CA PRO A 112 -2.58 -2.90 -29.91
C PRO A 112 -2.29 -2.90 -28.42
N VAL A 113 -3.12 -2.20 -27.66
CA VAL A 113 -3.05 -2.24 -26.21
C VAL A 113 -4.37 -2.78 -25.70
N TYR A 114 -4.30 -3.77 -24.82
CA TYR A 114 -5.50 -4.36 -24.25
C TYR A 114 -5.47 -4.32 -22.73
N GLY A 115 -6.60 -3.96 -22.13
CA GLY A 115 -6.76 -4.05 -20.69
C GLY A 115 -7.51 -5.33 -20.36
N VAL A 116 -7.87 -5.49 -19.09
CA VAL A 116 -8.55 -6.71 -18.64
C VAL A 116 -10.03 -6.49 -18.29
N ILE A 117 -10.46 -5.23 -18.31
CA ILE A 117 -11.83 -4.92 -17.92
C ILE A 117 -12.86 -5.40 -18.94
N ASP A 118 -12.67 -5.01 -20.20
CA ASP A 118 -13.54 -5.48 -21.28
C ASP A 118 -13.62 -7.01 -21.29
N ALA A 119 -12.45 -7.64 -21.25
CA ALA A 119 -12.35 -9.10 -21.22
C ALA A 119 -13.12 -9.68 -20.03
N GLY A 120 -13.00 -9.04 -18.87
CA GLY A 120 -13.67 -9.49 -17.66
C GLY A 120 -15.18 -9.46 -17.79
N VAL A 121 -15.69 -8.41 -18.43
CA VAL A 121 -17.13 -8.30 -18.64
C VAL A 121 -17.66 -9.40 -19.56
N GLU A 122 -16.98 -9.62 -20.68
N GLU A 122 -16.99 -9.66 -20.67
CA GLU A 122 -17.35 -10.67 -21.64
CA GLU A 122 -17.49 -10.68 -21.60
C GLU A 122 -17.43 -12.04 -20.97
C GLU A 122 -17.38 -12.11 -21.05
N ALA A 123 -16.38 -12.37 -20.22
CA ALA A 123 -16.27 -13.68 -19.56
C ALA A 123 -17.42 -13.87 -18.57
N THR A 124 -17.83 -12.78 -17.94
CA THR A 124 -18.97 -12.74 -17.03
C THR A 124 -20.27 -13.00 -17.78
N ILE A 125 -20.42 -12.36 -18.93
CA ILE A 125 -21.61 -12.56 -19.75
C ILE A 125 -21.64 -14.00 -20.25
N LYS A 126 -20.47 -14.52 -20.60
N LYS A 126 -20.47 -14.52 -20.60
CA LYS A 126 -20.37 -15.88 -21.10
CA LYS A 126 -20.37 -15.88 -21.10
C LYS A 126 -20.66 -16.90 -20.00
C LYS A 126 -20.63 -16.91 -20.00
N ALA A 127 -20.21 -16.59 -18.78
CA ALA A 127 -20.40 -17.48 -17.64
C ALA A 127 -21.87 -17.56 -17.21
N LEU A 128 -22.55 -16.42 -17.25
CA LEU A 128 -23.92 -16.32 -16.77
C LEU A 128 -24.95 -16.53 -17.86
N HIS A 129 -24.70 -15.91 -19.03
CA HIS A 129 -25.61 -15.93 -20.18
C HIS A 129 -27.06 -15.76 -19.77
N ASP A 130 -27.30 -14.82 -18.86
CA ASP A 130 -28.62 -14.54 -18.33
C ASP A 130 -28.56 -13.19 -17.64
N LYS A 131 -29.16 -12.17 -18.25
CA LYS A 131 -29.01 -10.81 -17.79
C LYS A 131 -29.64 -10.58 -16.42
N ASN A 132 -30.47 -11.53 -15.99
CA ASN A 132 -31.16 -11.45 -14.70
C ASN A 132 -30.32 -11.95 -13.51
N LYS A 133 -29.19 -12.58 -13.78
CA LYS A 133 -28.33 -13.10 -12.72
C LYS A 133 -27.64 -11.99 -11.96
N GLU A 134 -27.32 -12.25 -10.69
CA GLU A 134 -26.71 -11.25 -9.82
C GLU A 134 -25.19 -11.22 -9.94
N ILE A 135 -24.64 -10.02 -10.00
CA ILE A 135 -23.21 -9.83 -10.20
C ILE A 135 -22.61 -8.95 -9.11
N LEU A 136 -21.49 -9.38 -8.58
CA LEU A 136 -20.75 -8.55 -7.65
C LEU A 136 -19.37 -8.27 -8.21
N VAL A 137 -19.01 -7.01 -8.28
CA VAL A 137 -17.68 -6.60 -8.72
C VAL A 137 -16.88 -6.19 -7.50
N ILE A 138 -15.74 -6.85 -7.27
CA ILE A 138 -14.82 -6.41 -6.23
C ILE A 138 -13.49 -5.99 -6.83
N ALA A 139 -12.96 -4.88 -6.35
CA ALA A 139 -11.78 -4.26 -6.94
C ALA A 139 -11.21 -3.27 -5.96
N THR A 140 -10.23 -2.48 -6.41
CA THR A 140 -9.71 -1.38 -5.61
C THR A 140 -10.72 -0.23 -5.63
N LYS A 141 -10.53 0.74 -4.73
CA LYS A 141 -11.33 1.96 -4.72
C LYS A 141 -11.36 2.64 -6.09
N ALA A 142 -10.19 2.82 -6.70
CA ALA A 142 -10.13 3.55 -7.96
C ALA A 142 -10.87 2.83 -9.09
N THR A 143 -10.77 1.50 -9.13
CA THR A 143 -11.44 0.73 -10.17
C THR A 143 -12.96 0.82 -10.02
N ILE A 144 -13.44 0.70 -8.79
CA ILE A 144 -14.87 0.80 -8.51
C ILE A 144 -15.38 2.18 -8.89
N LYS A 145 -14.63 3.20 -8.46
CA LYS A 145 -15.00 4.59 -8.68
C LYS A 145 -15.10 4.95 -10.17
N SER A 146 -14.29 4.28 -10.99
CA SER A 146 -14.30 4.52 -12.43
C SER A 146 -15.65 4.14 -13.04
N GLU A 147 -16.35 3.22 -12.39
CA GLU A 147 -17.64 2.69 -12.87
C GLU A 147 -17.53 2.01 -14.24
N GLU A 148 -16.31 1.58 -14.60
CA GLU A 148 -16.09 0.99 -15.91
C GLU A 148 -16.75 -0.37 -16.06
N TYR A 149 -16.69 -1.21 -15.01
CA TYR A 149 -17.38 -2.48 -15.02
C TYR A 149 -18.89 -2.28 -15.06
N GLN A 150 -19.39 -1.46 -14.15
CA GLN A 150 -20.82 -1.12 -14.08
C GLN A 150 -21.32 -0.65 -15.44
N LYS A 151 -20.59 0.27 -16.05
CA LYS A 151 -20.99 0.83 -17.34
C LYS A 151 -21.17 -0.21 -18.46
N ARG A 152 -20.22 -1.14 -18.55
N ARG A 152 -20.22 -1.13 -18.57
CA ARG A 152 -20.27 -2.16 -19.60
CA ARG A 152 -20.28 -2.18 -19.59
C ARG A 152 -21.38 -3.18 -19.37
C ARG A 152 -21.48 -3.07 -19.35
N LEU A 153 -21.57 -3.60 -18.13
CA LEU A 153 -22.60 -4.57 -17.78
C LEU A 153 -24.01 -4.03 -18.01
N LEU A 154 -24.25 -2.80 -17.56
CA LEU A 154 -25.52 -2.16 -17.72
C LEU A 154 -25.87 -2.03 -19.19
N SER A 155 -24.91 -1.64 -20.01
CA SER A 155 -25.16 -1.48 -21.45
C SER A 155 -25.57 -2.81 -22.11
N GLN A 156 -25.17 -3.92 -21.50
CA GLN A 156 -25.54 -5.23 -22.01
C GLN A 156 -26.82 -5.77 -21.37
N GLY A 157 -27.45 -4.96 -20.53
CA GLY A 157 -28.72 -5.33 -19.93
C GLY A 157 -28.58 -6.01 -18.58
N TYR A 158 -27.35 -6.14 -18.10
CA TYR A 158 -27.10 -6.73 -16.79
C TYR A 158 -27.25 -5.66 -15.71
N THR A 159 -28.41 -5.62 -15.07
CA THR A 159 -28.73 -4.54 -14.15
C THR A 159 -28.69 -4.94 -12.69
N ASN A 160 -28.59 -6.24 -12.42
CA ASN A 160 -28.53 -6.72 -11.04
C ASN A 160 -27.08 -6.80 -10.60
N ILE A 161 -26.44 -5.64 -10.48
N ILE A 161 -26.46 -5.62 -10.47
CA ILE A 161 -25.01 -5.62 -10.17
CA ILE A 161 -25.04 -5.50 -10.17
C ILE A 161 -24.70 -4.79 -8.92
C ILE A 161 -24.83 -4.89 -8.80
N ASN A 162 -23.71 -5.24 -8.17
CA ASN A 162 -23.21 -4.51 -7.02
C ASN A 162 -21.72 -4.36 -7.19
N ALA A 163 -21.18 -3.20 -6.83
CA ALA A 163 -19.77 -2.93 -6.98
C ALA A 163 -19.22 -2.54 -5.61
N LEU A 164 -18.08 -3.12 -5.25
CA LEU A 164 -17.59 -2.99 -3.89
C LEU A 164 -16.06 -2.93 -3.87
N ALA A 165 -15.54 -1.87 -3.27
CA ALA A 165 -14.09 -1.79 -3.06
C ALA A 165 -13.73 -2.68 -1.89
N THR A 166 -12.71 -3.52 -2.09
CA THR A 166 -12.22 -4.37 -1.03
C THR A 166 -10.70 -4.24 -1.03
N GLY A 167 -10.23 -3.05 -0.64
CA GLY A 167 -8.84 -2.67 -0.87
C GLY A 167 -7.81 -3.40 -0.03
N LEU A 168 -8.22 -3.83 1.16
CA LEU A 168 -7.26 -4.44 2.07
C LEU A 168 -6.80 -5.80 1.58
N PHE A 169 -7.57 -6.37 0.65
CA PHE A 169 -7.18 -7.64 0.01
C PHE A 169 -5.80 -7.58 -0.65
N VAL A 170 -5.48 -6.42 -1.24
CA VAL A 170 -4.21 -6.24 -1.92
C VAL A 170 -3.00 -6.38 -0.98
N PRO A 171 -2.91 -5.54 0.09
CA PRO A 171 -1.73 -5.73 0.95
C PRO A 171 -1.74 -7.04 1.72
N MET A 172 -2.92 -7.61 1.95
CA MET A 172 -3.01 -8.91 2.60
C MET A 172 -2.42 -9.99 1.70
N VAL A 173 -2.83 -9.98 0.43
CA VAL A 173 -2.26 -10.90 -0.54
C VAL A 173 -0.75 -10.72 -0.61
N GLU A 174 -0.27 -9.48 -0.58
CA GLU A 174 1.17 -9.25 -0.68
C GLU A 174 1.95 -9.70 0.55
N GLU A 175 1.28 -9.78 1.70
N GLU A 175 1.26 -9.81 1.69
CA GLU A 175 1.91 -10.30 2.91
CA GLU A 175 1.89 -10.30 2.91
C GLU A 175 1.98 -11.84 2.84
C GLU A 175 1.75 -11.82 3.03
N GLY A 176 1.09 -12.42 2.04
CA GLY A 176 1.03 -13.86 1.93
C GLY A 176 -0.16 -14.47 2.66
N ILE A 177 -1.09 -13.61 3.06
N ILE A 177 -1.07 -13.65 3.11
CA ILE A 177 -2.32 -14.03 3.76
CA ILE A 177 -2.19 -14.18 3.82
C ILE A 177 -3.41 -14.40 2.77
C ILE A 177 -3.34 -14.42 2.86
N PHE A 178 -3.60 -15.70 2.55
CA PHE A 178 -4.55 -16.17 1.56
C PHE A 178 -5.71 -16.93 2.20
N GLU A 179 -5.67 -17.06 3.51
CA GLU A 179 -6.71 -17.73 4.27
C GLU A 179 -6.54 -17.49 5.78
N GLY A 180 -7.44 -18.04 6.58
CA GLY A 180 -7.34 -17.94 8.03
C GLY A 180 -8.26 -16.92 8.65
N ASP A 181 -8.23 -16.83 9.98
CA ASP A 181 -9.13 -15.95 10.72
C ASP A 181 -8.96 -14.47 10.36
N PHE A 182 -7.72 -14.06 10.15
CA PHE A 182 -7.44 -12.70 9.72
C PHE A 182 -8.19 -12.38 8.42
N LEU A 183 -8.04 -13.24 7.41
CA LEU A 183 -8.73 -13.04 6.13
C LEU A 183 -10.24 -13.16 6.25
N GLN A 184 -10.71 -14.07 7.10
CA GLN A 184 -12.14 -14.23 7.32
C GLN A 184 -12.78 -12.93 7.80
N SER A 185 -12.16 -12.31 8.80
N SER A 185 -12.16 -12.29 8.80
CA SER A 185 -12.64 -11.02 9.33
CA SER A 185 -12.65 -11.03 9.31
C SER A 185 -12.65 -9.97 8.23
C SER A 185 -12.62 -9.94 8.25
N ALA A 186 -11.67 -10.02 7.33
CA ALA A 186 -11.58 -9.08 6.23
C ALA A 186 -12.79 -9.22 5.32
N MET A 187 -13.15 -10.46 5.02
CA MET A 187 -14.28 -10.73 4.13
C MET A 187 -15.59 -10.35 4.80
N GLU A 188 -15.74 -10.69 6.08
N GLU A 188 -15.74 -10.71 6.07
CA GLU A 188 -16.96 -10.35 6.80
CA GLU A 188 -16.92 -10.36 6.85
C GLU A 188 -17.10 -8.84 6.95
C GLU A 188 -17.08 -8.85 6.92
N TYR A 189 -15.97 -8.15 7.08
CA TYR A 189 -15.97 -6.69 7.13
C TYR A 189 -16.48 -6.13 5.80
N TYR A 190 -15.98 -6.66 4.69
CA TYR A 190 -16.44 -6.19 3.39
C TYR A 190 -17.81 -6.74 2.97
N PHE A 191 -18.10 -7.99 3.33
CA PHE A 191 -19.26 -8.67 2.78
C PHE A 191 -20.47 -8.80 3.71
N LYS A 192 -20.42 -8.13 4.88
CA LYS A 192 -21.55 -8.17 5.80
C LYS A 192 -22.85 -7.70 5.15
N ASN A 193 -23.91 -8.47 5.34
CA ASN A 193 -25.24 -8.16 4.81
C ASN A 193 -25.30 -7.75 3.34
N ILE A 194 -24.38 -8.28 2.54
CA ILE A 194 -24.52 -8.15 1.09
C ILE A 194 -24.96 -9.50 0.51
N THR A 195 -25.72 -9.45 -0.57
CA THR A 195 -26.31 -10.66 -1.12
C THR A 195 -25.28 -11.52 -1.84
N THR A 196 -25.50 -12.84 -1.83
CA THR A 196 -24.63 -13.76 -2.54
C THR A 196 -24.88 -13.64 -4.04
N PRO A 197 -23.82 -13.33 -4.80
CA PRO A 197 -23.93 -13.14 -6.25
C PRO A 197 -23.86 -14.45 -7.01
N ASP A 198 -24.47 -14.50 -8.19
CA ASP A 198 -24.33 -15.64 -9.08
C ASP A 198 -22.94 -15.61 -9.68
N ALA A 199 -22.32 -14.43 -9.68
CA ALA A 199 -20.96 -14.29 -10.16
C ALA A 199 -20.22 -13.16 -9.47
N LEU A 200 -18.97 -13.38 -9.09
N LEU A 200 -18.98 -13.47 -9.10
CA LEU A 200 -18.18 -12.25 -8.64
CA LEU A 200 -18.10 -12.55 -8.40
C LEU A 200 -16.98 -12.02 -9.54
C LEU A 200 -16.91 -12.24 -9.29
N ILE A 201 -16.81 -10.78 -9.95
N ILE A 201 -16.89 -11.06 -9.88
CA ILE A 201 -15.71 -10.44 -10.82
CA ILE A 201 -15.77 -10.73 -10.74
C ILE A 201 -14.51 -10.10 -9.97
C ILE A 201 -14.58 -10.22 -9.92
N LEU A 202 -13.46 -10.92 -10.07
CA LEU A 202 -12.22 -10.65 -9.36
C LEU A 202 -11.48 -9.55 -10.11
N ALA A 203 -11.99 -8.34 -9.99
CA ALA A 203 -11.52 -7.21 -10.81
C ALA A 203 -10.30 -6.56 -10.20
N CYS A 204 -9.32 -7.39 -9.85
CA CYS A 204 -8.07 -6.93 -9.27
C CYS A 204 -7.07 -8.06 -9.40
N THR A 205 -5.87 -7.73 -9.85
CA THR A 205 -4.84 -8.73 -10.14
C THR A 205 -4.51 -9.62 -8.95
N HIS A 206 -4.70 -9.11 -7.75
CA HIS A 206 -4.32 -9.81 -6.53
C HIS A 206 -5.34 -10.85 -6.09
N PHE A 207 -6.58 -10.69 -6.56
CA PHE A 207 -7.71 -11.43 -6.02
C PHE A 207 -7.79 -12.95 -6.31
N PRO A 208 -7.23 -13.42 -7.45
CA PRO A 208 -7.20 -14.88 -7.66
C PRO A 208 -6.43 -15.64 -6.56
N LEU A 209 -5.54 -14.95 -5.85
CA LEU A 209 -4.78 -15.58 -4.78
C LEU A 209 -5.71 -15.90 -3.61
N LEU A 210 -6.84 -15.21 -3.55
CA LEU A 210 -7.84 -15.42 -2.52
C LEU A 210 -9.01 -16.23 -3.06
N GLY A 211 -8.84 -16.85 -4.22
CA GLY A 211 -9.91 -17.56 -4.90
C GLY A 211 -10.61 -18.60 -4.04
N ARG A 212 -9.85 -19.42 -3.33
CA ARG A 212 -10.44 -20.48 -2.51
C ARG A 212 -11.22 -19.94 -1.33
N SER A 213 -10.67 -18.93 -0.66
CA SER A 213 -11.32 -18.36 0.51
C SER A 213 -12.60 -17.64 0.11
N LEU A 214 -12.54 -16.91 -1.00
CA LEU A 214 -13.69 -16.20 -1.52
C LEU A 214 -14.78 -17.20 -1.88
N SER A 215 -14.42 -18.23 -2.62
CA SER A 215 -15.35 -19.25 -3.04
C SER A 215 -15.95 -19.98 -1.84
N LYS A 216 -15.11 -20.25 -0.83
CA LYS A 216 -15.59 -20.88 0.39
C LYS A 216 -16.54 -19.96 1.15
N TYR A 217 -16.25 -18.66 1.14
CA TYR A 217 -17.10 -17.68 1.79
C TYR A 217 -18.47 -17.58 1.13
N PHE A 218 -18.50 -17.63 -0.20
CA PHE A 218 -19.76 -17.45 -0.92
C PHE A 218 -20.53 -18.75 -1.18
N GLY A 219 -19.82 -19.86 -1.29
CA GLY A 219 -20.45 -21.13 -1.62
C GLY A 219 -20.36 -21.39 -3.11
N ASP A 220 -20.74 -22.60 -3.53
CA ASP A 220 -20.54 -23.03 -4.92
C ASP A 220 -21.47 -22.39 -5.94
N LYS A 221 -22.52 -21.72 -5.46
CA LYS A 221 -23.46 -21.07 -6.36
C LYS A 221 -22.83 -19.87 -7.06
N THR A 222 -21.76 -19.34 -6.46
CA THR A 222 -21.09 -18.17 -7.01
C THR A 222 -19.91 -18.56 -7.91
N LYS A 223 -20.01 -18.20 -9.19
N LYS A 223 -20.02 -18.19 -9.19
CA LYS A 223 -18.91 -18.37 -10.13
CA LYS A 223 -18.92 -18.37 -10.13
C LYS A 223 -17.91 -17.24 -9.95
C LYS A 223 -17.91 -17.24 -9.96
N LEU A 224 -16.62 -17.59 -9.89
CA LEU A 224 -15.56 -16.58 -9.79
C LEU A 224 -15.05 -16.26 -11.20
N ILE A 225 -15.05 -14.98 -11.54
CA ILE A 225 -14.54 -14.53 -12.83
C ILE A 225 -13.11 -14.00 -12.68
N HIS A 226 -12.18 -14.71 -13.29
CA HIS A 226 -10.74 -14.48 -13.21
C HIS A 226 -10.26 -13.62 -14.37
N SER A 227 -9.66 -12.47 -14.06
CA SER A 227 -9.28 -11.51 -15.10
C SER A 227 -8.26 -12.05 -16.10
N GLY A 228 -7.33 -12.87 -15.62
CA GLY A 228 -6.28 -13.43 -16.47
C GLY A 228 -6.82 -14.44 -17.47
N ASP A 229 -7.65 -15.35 -16.99
CA ASP A 229 -8.30 -16.32 -17.86
C ASP A 229 -9.19 -15.59 -18.83
N ALA A 230 -9.82 -14.51 -18.37
CA ALA A 230 -10.72 -13.71 -19.19
C ALA A 230 -9.99 -13.08 -20.37
N ILE A 231 -8.86 -12.42 -20.12
CA ILE A 231 -8.11 -11.78 -21.20
C ILE A 231 -7.58 -12.81 -22.20
N VAL A 232 -7.32 -14.03 -21.73
CA VAL A 232 -6.87 -15.10 -22.62
C VAL A 232 -7.94 -15.48 -23.65
N GLU A 233 -9.14 -15.79 -23.18
CA GLU A 233 -10.24 -16.09 -24.10
C GLU A 233 -10.50 -14.91 -25.04
N PHE A 234 -10.49 -13.71 -24.47
CA PHE A 234 -10.67 -12.46 -25.21
C PHE A 234 -9.73 -12.35 -26.41
N LEU A 235 -8.45 -12.65 -26.17
CA LEU A 235 -7.44 -12.60 -27.23
C LEU A 235 -7.67 -13.70 -28.28
N LYS A 236 -8.07 -14.88 -27.82
CA LYS A 236 -8.29 -16.01 -28.72
C LYS A 236 -9.46 -15.79 -29.68
N GLU A 237 -10.47 -15.06 -29.21
CA GLU A 237 -11.62 -14.74 -30.05
C GLU A 237 -11.30 -13.56 -30.98
N ARG A 238 -10.44 -12.67 -30.52
CA ARG A 238 -10.12 -11.45 -31.27
C ARG A 238 -8.97 -11.67 -32.24
N GLU A 239 -8.05 -12.57 -31.89
CA GLU A 239 -6.86 -12.78 -32.70
C GLU A 239 -6.78 -14.21 -33.23
N ASN A 240 -5.98 -14.41 -34.27
CA ASN A 240 -5.74 -15.74 -34.80
C ASN A 240 -4.37 -16.25 -34.35
N ILE A 241 -4.33 -16.86 -33.17
CA ILE A 241 -3.08 -17.29 -32.57
C ILE A 241 -2.97 -18.82 -32.54
N ASP A 242 -1.92 -19.34 -33.18
CA ASP A 242 -1.62 -20.76 -33.09
C ASP A 242 -1.12 -21.04 -31.68
N LEU A 243 -1.55 -22.15 -31.10
CA LEU A 243 -1.10 -22.53 -29.76
C LEU A 243 0.33 -23.03 -29.84
N LYS A 244 1.22 -22.39 -29.07
CA LYS A 244 2.64 -22.72 -29.12
C LYS A 244 2.94 -24.12 -28.59
N ASN A 245 4.01 -24.72 -29.12
CA ASN A 245 4.51 -26.01 -28.64
C ASN A 245 5.30 -25.81 -27.35
N HIS A 246 5.96 -24.65 -27.26
CA HIS A 246 6.88 -24.34 -26.17
C HIS A 246 6.39 -23.19 -25.30
N LYS A 247 6.83 -23.17 -24.04
CA LYS A 247 6.52 -22.07 -23.14
C LYS A 247 7.25 -20.80 -23.57
N ALA A 248 6.61 -19.66 -23.37
CA ALA A 248 7.21 -18.37 -23.71
C ALA A 248 8.47 -18.12 -22.89
N LYS A 249 9.41 -17.38 -23.47
CA LYS A 249 10.53 -16.89 -22.70
C LYS A 249 10.07 -15.67 -21.90
N LEU A 250 10.15 -15.77 -20.58
CA LEU A 250 9.70 -14.68 -19.72
C LEU A 250 10.83 -13.71 -19.39
N HIS A 251 10.48 -12.43 -19.31
CA HIS A 251 11.44 -11.41 -18.89
C HIS A 251 10.81 -10.54 -17.82
N PHE A 252 11.54 -10.28 -16.75
CA PHE A 252 10.99 -9.50 -15.64
C PHE A 252 11.76 -8.22 -15.38
N TYR A 253 11.05 -7.10 -15.37
CA TYR A 253 11.64 -5.81 -15.07
C TYR A 253 10.79 -5.15 -14.00
N ALA A 254 11.40 -4.26 -13.23
CA ALA A 254 10.67 -3.56 -12.16
C ALA A 254 11.36 -2.25 -11.86
N SER A 255 10.60 -1.28 -11.37
CA SER A 255 11.15 0.02 -10.99
C SER A 255 11.88 -0.06 -9.66
N SER A 256 11.71 -1.17 -8.96
CA SER A 256 12.41 -1.40 -7.71
C SER A 256 12.51 -2.89 -7.38
N ASP A 257 13.67 -3.29 -6.86
CA ASP A 257 13.93 -4.65 -6.38
C ASP A 257 13.42 -5.73 -7.32
N VAL A 258 14.00 -5.78 -8.52
CA VAL A 258 13.53 -6.71 -9.55
C VAL A 258 13.68 -8.17 -9.12
N GLU A 259 14.70 -8.47 -8.31
CA GLU A 259 14.91 -9.82 -7.80
C GLU A 259 13.75 -10.29 -6.93
N SER A 260 13.14 -9.37 -6.18
CA SER A 260 11.95 -9.70 -5.39
C SER A 260 10.77 -10.08 -6.27
N LEU A 261 10.59 -9.33 -7.35
CA LEU A 261 9.54 -9.63 -8.34
C LEU A 261 9.78 -11.02 -8.93
N LYS A 262 11.03 -11.27 -9.35
CA LYS A 262 11.40 -12.55 -9.95
C LYS A 262 11.17 -13.69 -8.95
N ASN A 263 11.55 -13.46 -7.70
CA ASN A 263 11.33 -14.46 -6.65
C ASN A 263 9.85 -14.80 -6.50
N THR A 264 9.01 -13.78 -6.41
CA THR A 264 7.58 -14.00 -6.34
C THR A 264 7.09 -14.70 -7.61
N ALA A 265 7.58 -14.24 -8.75
CA ALA A 265 7.17 -14.80 -10.05
C ALA A 265 7.48 -16.29 -10.12
N LYS A 266 8.66 -16.67 -9.64
CA LYS A 266 9.07 -18.07 -9.61
C LYS A 266 8.10 -18.92 -8.80
N ILE A 267 7.63 -18.38 -7.69
CA ILE A 267 6.72 -19.11 -6.82
C ILE A 267 5.31 -19.22 -7.45
N TRP A 268 4.79 -18.09 -7.91
CA TRP A 268 3.40 -18.04 -8.39
C TRP A 268 3.18 -18.77 -9.72
N LEU A 269 4.13 -18.64 -10.65
CA LEU A 269 4.00 -19.27 -11.96
C LEU A 269 4.70 -20.62 -11.99
N ASN A 270 5.47 -20.90 -10.94
CA ASN A 270 6.36 -22.06 -10.90
C ASN A 270 7.28 -22.16 -12.11
N LEU A 271 8.20 -21.20 -12.22
CA LEU A 271 9.20 -21.20 -13.28
C LEU A 271 10.35 -22.16 -12.97
N LEU A 272 10.13 -23.09 -12.05
CA LEU A 272 11.08 -24.16 -11.79
C LEU A 272 10.43 -25.51 -12.06
N ARG A 273 10.26 -25.83 -13.34
CA ARG A 273 9.70 -27.10 -13.78
C ARG A 273 10.23 -27.49 -15.15
N LYS A 274 11.00 -28.57 -15.20
CA LYS A 274 11.61 -29.09 -16.42
C LYS A 274 12.44 -28.04 -17.15
N MET B 25 10.67 30.96 12.77
CA MET B 25 11.09 29.56 12.68
C MET B 25 10.22 28.76 11.70
N LYS B 26 10.70 28.64 10.47
CA LYS B 26 10.03 27.80 9.49
C LYS B 26 10.77 26.48 9.32
N ILE B 27 10.05 25.39 9.50
CA ILE B 27 10.63 24.06 9.33
C ILE B 27 9.84 23.27 8.29
N GLY B 28 10.44 22.17 7.84
CA GLY B 28 9.78 21.25 6.95
C GLY B 28 9.50 19.94 7.65
N VAL B 29 8.42 19.27 7.25
CA VAL B 29 8.12 17.94 7.73
C VAL B 29 7.91 17.04 6.53
N PHE B 30 8.70 15.97 6.43
CA PHE B 30 8.53 15.03 5.34
C PHE B 30 7.95 13.73 5.82
N ASP B 31 6.96 13.22 5.09
CA ASP B 31 6.48 11.86 5.29
C ASP B 31 6.15 11.21 3.95
N SER B 32 6.15 9.88 3.91
CA SER B 32 5.85 9.14 2.68
C SER B 32 4.45 9.43 2.18
N GLY B 33 3.56 9.88 3.06
CA GLY B 33 2.20 10.18 2.66
C GLY B 33 1.39 10.91 3.70
N VAL B 34 0.28 10.29 4.10
CA VAL B 34 -0.66 10.93 5.02
C VAL B 34 -0.32 10.67 6.49
N GLY B 35 0.38 9.57 6.75
CA GLY B 35 0.66 9.15 8.11
C GLY B 35 1.40 10.15 8.98
N GLY B 36 2.32 10.90 8.38
CA GLY B 36 3.16 11.84 9.11
C GLY B 36 2.39 12.97 9.79
N LEU B 37 1.11 13.09 9.45
CA LEU B 37 0.22 14.03 10.14
C LEU B 37 0.18 13.77 11.64
N SER B 38 0.45 12.53 12.06
CA SER B 38 0.47 12.21 13.48
C SER B 38 1.64 12.93 14.14
N VAL B 39 2.75 13.04 13.41
CA VAL B 39 3.90 13.81 13.88
C VAL B 39 3.66 15.31 13.75
N LEU B 40 2.99 15.72 12.67
CA LEU B 40 2.72 17.13 12.45
C LEU B 40 1.85 17.69 13.58
N LYS B 41 0.82 16.94 13.95
CA LYS B 41 -0.05 17.29 15.08
C LYS B 41 0.74 17.54 16.37
N SER B 42 1.71 16.69 16.65
CA SER B 42 2.50 16.86 17.87
C SER B 42 3.30 18.16 17.83
N LEU B 43 3.89 18.45 16.68
CA LEU B 43 4.65 19.68 16.50
C LEU B 43 3.72 20.89 16.57
N TYR B 44 2.58 20.79 15.88
CA TYR B 44 1.59 21.85 15.83
C TYR B 44 1.10 22.25 17.21
N GLU B 45 0.61 21.27 17.96
CA GLU B 45 0.04 21.52 19.29
C GLU B 45 1.09 21.90 20.33
N ALA B 46 2.36 21.59 20.06
CA ALA B 46 3.44 21.94 20.97
C ALA B 46 3.78 23.42 20.86
N ARG B 47 3.26 24.06 19.82
CA ARG B 47 3.47 25.50 19.59
C ARG B 47 4.94 25.90 19.59
N LEU B 48 5.74 25.18 18.80
CA LEU B 48 7.17 25.41 18.74
C LEU B 48 7.57 26.32 17.58
N PHE B 49 6.79 26.31 16.52
CA PHE B 49 7.18 26.99 15.29
C PHE B 49 6.14 27.99 14.78
N ASP B 50 6.60 28.90 13.91
CA ASP B 50 5.72 29.88 13.28
C ASP B 50 5.12 29.34 11.98
N GLU B 51 5.91 28.57 11.23
CA GLU B 51 5.46 28.07 9.95
C GLU B 51 5.97 26.65 9.69
N ILE B 52 5.07 25.77 9.28
CA ILE B 52 5.44 24.39 8.98
C ILE B 52 5.01 24.00 7.57
N ILE B 53 5.95 23.47 6.81
CA ILE B 53 5.67 22.99 5.48
C ILE B 53 5.71 21.47 5.46
N TYR B 54 4.54 20.85 5.22
CA TYR B 54 4.42 19.40 5.22
C TYR B 54 4.38 18.88 3.80
N TYR B 55 5.29 17.98 3.48
CA TYR B 55 5.28 17.33 2.17
C TYR B 55 5.08 15.83 2.34
N GLY B 56 4.06 15.30 1.66
CA GLY B 56 3.80 13.87 1.67
C GLY B 56 3.96 13.29 0.29
N ASP B 57 4.71 12.20 0.16
CA ASP B 57 4.94 11.59 -1.15
C ASP B 57 3.81 10.63 -1.52
N THR B 58 2.59 11.16 -1.56
CA THR B 58 1.39 10.34 -1.68
C THR B 58 1.30 9.56 -2.99
N ALA B 59 1.98 10.04 -4.02
CA ALA B 59 2.02 9.34 -5.30
C ALA B 59 2.75 7.99 -5.19
N ARG B 60 3.66 7.88 -4.23
CA ARG B 60 4.51 6.69 -4.16
C ARG B 60 4.43 5.94 -2.83
N VAL B 61 3.62 6.44 -1.91
CA VAL B 61 3.37 5.78 -0.63
C VAL B 61 2.80 4.38 -0.93
N PRO B 62 3.11 3.38 -0.09
CA PRO B 62 3.96 3.38 1.11
C PRO B 62 5.41 3.12 0.78
N TYR B 63 6.30 3.42 1.73
CA TYR B 63 7.71 3.14 1.62
C TYR B 63 8.04 1.87 2.39
N GLY B 64 7.19 1.58 3.38
CA GLY B 64 7.47 0.54 4.36
C GLY B 64 7.70 -0.87 3.87
N VAL B 65 7.19 -1.18 2.68
CA VAL B 65 7.32 -2.53 2.12
C VAL B 65 8.28 -2.54 0.93
N LYS B 66 9.00 -1.44 0.74
CA LYS B 66 9.93 -1.34 -0.37
C LYS B 66 11.37 -1.36 0.12
N ASP B 67 12.31 -1.36 -0.82
CA ASP B 67 13.70 -1.61 -0.50
C ASP B 67 14.48 -0.33 -0.17
N LYS B 68 15.60 -0.52 0.53
CA LYS B 68 16.47 0.54 1.04
C LYS B 68 16.92 1.54 -0.02
N ASP B 69 17.38 1.03 -1.16
CA ASP B 69 17.85 1.89 -2.24
C ASP B 69 16.73 2.80 -2.76
N THR B 70 15.54 2.22 -2.95
CA THR B 70 14.37 2.98 -3.39
C THR B 70 13.97 4.05 -2.38
N ILE B 71 13.94 3.66 -1.11
CA ILE B 71 13.56 4.57 -0.04
C ILE B 71 14.50 5.78 0.04
N ILE B 72 15.80 5.51 0.04
CA ILE B 72 16.80 6.56 0.11
C ILE B 72 16.66 7.50 -1.09
N LYS B 73 16.52 6.90 -2.26
CA LYS B 73 16.34 7.65 -3.50
C LYS B 73 15.15 8.62 -3.45
N PHE B 74 14.05 8.16 -2.86
CA PHE B 74 12.82 8.95 -2.79
C PHE B 74 12.94 10.12 -1.82
N CYS B 75 13.70 9.93 -0.74
CA CYS B 75 13.89 10.97 0.26
C CYS B 75 14.80 12.06 -0.25
N LEU B 76 15.81 11.68 -1.03
CA LEU B 76 16.69 12.66 -1.64
C LEU B 76 15.93 13.57 -2.60
N GLU B 77 14.95 13.00 -3.30
CA GLU B 77 14.08 13.79 -4.16
C GLU B 77 13.23 14.75 -3.32
N ALA B 78 12.79 14.27 -2.16
CA ALA B 78 12.00 15.09 -1.26
C ALA B 78 12.85 16.24 -0.72
N LEU B 79 14.11 15.93 -0.44
CA LEU B 79 15.06 16.95 0.00
C LEU B 79 15.25 17.99 -1.10
N ASP B 80 15.23 17.53 -2.35
CA ASP B 80 15.28 18.43 -3.49
C ASP B 80 14.05 19.33 -3.51
N PHE B 81 12.91 18.76 -3.14
CA PHE B 81 11.65 19.51 -3.12
C PHE B 81 11.68 20.64 -2.11
N PHE B 82 12.25 20.38 -0.94
CA PHE B 82 12.26 21.37 0.14
C PHE B 82 13.20 22.54 -0.12
N GLU B 83 14.16 22.37 -1.02
CA GLU B 83 15.11 23.42 -1.36
C GLU B 83 14.43 24.72 -1.79
N GLN B 84 13.20 24.59 -2.28
CA GLN B 84 12.42 25.73 -2.76
C GLN B 84 12.11 26.76 -1.67
N PHE B 85 11.97 26.27 -0.44
CA PHE B 85 11.26 27.02 0.59
C PHE B 85 12.09 27.84 1.60
N GLN B 86 13.39 27.56 1.68
CA GLN B 86 14.26 28.19 2.69
C GLN B 86 13.84 27.87 4.12
N ILE B 87 13.79 26.58 4.45
CA ILE B 87 13.47 26.15 5.81
C ILE B 87 14.68 26.21 6.73
N ASP B 88 14.43 26.27 8.03
CA ASP B 88 15.52 26.33 9.01
C ASP B 88 15.99 24.93 9.40
N MET B 89 15.08 23.95 9.33
CA MET B 89 15.43 22.57 9.57
C MET B 89 14.34 21.62 9.03
N LEU B 90 14.68 20.35 8.90
CA LEU B 90 13.76 19.38 8.32
C LEU B 90 13.51 18.21 9.26
N ILE B 91 12.24 17.96 9.58
CA ILE B 91 11.87 16.81 10.37
C ILE B 91 11.42 15.64 9.48
N ILE B 92 12.09 14.51 9.59
CA ILE B 92 11.66 13.30 8.90
C ILE B 92 10.63 12.57 9.75
N ALA B 93 9.35 12.86 9.51
CA ALA B 93 8.29 12.28 10.31
C ALA B 93 8.21 10.76 10.13
N CYS B 94 8.58 10.30 8.94
CA CYS B 94 8.45 8.89 8.56
C CYS B 94 9.50 7.99 9.21
N ASN B 95 9.06 6.95 9.92
CA ASN B 95 10.00 6.03 10.57
C ASN B 95 10.83 5.23 9.57
N THR B 96 10.20 4.84 8.47
CA THR B 96 10.86 4.11 7.41
C THR B 96 11.98 4.96 6.79
N ALA B 97 11.63 6.15 6.35
CA ALA B 97 12.62 7.09 5.83
C ALA B 97 13.70 7.38 6.90
N SER B 98 13.27 7.48 8.16
CA SER B 98 14.22 7.72 9.25
C SER B 98 15.22 6.58 9.34
N ALA B 99 14.72 5.36 9.14
CA ALA B 99 15.53 4.16 9.26
C ALA B 99 16.70 4.09 8.30
N TYR B 100 16.55 4.65 7.09
CA TYR B 100 17.57 4.47 6.05
C TYR B 100 18.19 5.74 5.47
N ALA B 101 17.44 6.85 5.48
CA ALA B 101 17.82 8.01 4.67
C ALA B 101 18.57 9.14 5.38
N LEU B 102 18.65 9.09 6.72
N LEU B 102 18.64 9.09 6.71
CA LEU B 102 19.21 10.20 7.49
CA LEU B 102 19.22 10.16 7.51
C LEU B 102 20.65 10.55 7.12
C LEU B 102 20.64 10.55 7.10
N ASP B 103 21.47 9.55 6.83
CA ASP B 103 22.85 9.80 6.46
C ASP B 103 22.96 10.48 5.10
N ALA B 104 22.19 10.00 4.14
CA ALA B 104 22.18 10.59 2.80
C ALA B 104 21.61 12.00 2.83
N LEU B 105 20.52 12.19 3.58
CA LEU B 105 19.87 13.49 3.67
C LEU B 105 20.79 14.54 4.31
N ARG B 106 21.44 14.16 5.40
CA ARG B 106 22.30 15.10 6.12
C ARG B 106 23.55 15.47 5.33
N ALA B 107 24.08 14.52 4.57
CA ALA B 107 25.25 14.78 3.74
C ALA B 107 24.92 15.77 2.62
N LYS B 108 23.63 15.86 2.30
CA LYS B 108 23.16 16.68 1.18
C LYS B 108 22.56 18.00 1.66
N ALA B 109 21.90 17.96 2.82
CA ALA B 109 21.24 19.15 3.36
C ALA B 109 22.22 20.17 3.95
N HIS B 110 21.86 21.44 3.88
CA HIS B 110 22.66 22.50 4.48
C HIS B 110 21.91 23.12 5.65
N PHE B 111 21.03 22.33 6.26
CA PHE B 111 20.31 22.69 7.47
C PHE B 111 20.12 21.42 8.30
N PRO B 112 19.77 21.56 9.60
CA PRO B 112 19.56 20.37 10.43
C PRO B 112 18.47 19.45 9.88
N VAL B 113 18.71 18.15 9.96
CA VAL B 113 17.69 17.16 9.61
C VAL B 113 17.55 16.15 10.73
N TYR B 114 16.34 16.02 11.26
CA TYR B 114 16.06 15.11 12.36
C TYR B 114 15.04 14.05 11.98
N GLY B 115 15.33 12.81 12.37
CA GLY B 115 14.38 11.73 12.22
C GLY B 115 13.61 11.56 13.51
N VAL B 116 12.87 10.47 13.62
CA VAL B 116 12.03 10.21 14.79
C VAL B 116 12.49 8.97 15.54
N ILE B 117 13.54 8.32 15.04
CA ILE B 117 13.99 7.08 15.64
C ILE B 117 14.80 7.32 16.91
N ASP B 118 15.80 8.19 16.82
CA ASP B 118 16.58 8.55 17.99
C ASP B 118 15.67 9.10 19.09
N ALA B 119 14.74 9.97 18.70
CA ALA B 119 13.78 10.54 19.63
C ALA B 119 12.95 9.45 20.30
N GLY B 120 12.44 8.51 19.51
CA GLY B 120 11.66 7.40 20.01
C GLY B 120 12.40 6.60 21.08
N VAL B 121 13.66 6.27 20.80
CA VAL B 121 14.48 5.50 21.73
C VAL B 121 14.67 6.25 23.07
N GLU B 122 15.02 7.53 22.99
CA GLU B 122 15.14 8.37 24.19
C GLU B 122 13.86 8.38 25.04
N ALA B 123 12.72 8.58 24.37
CA ALA B 123 11.42 8.62 25.03
C ALA B 123 11.14 7.31 25.77
N THR B 124 11.54 6.20 25.15
CA THR B 124 11.42 4.87 25.74
C THR B 124 12.30 4.76 26.97
N ILE B 125 13.51 5.27 26.87
CA ILE B 125 14.47 5.19 27.98
C ILE B 125 13.92 6.01 29.15
N LYS B 126 13.39 7.19 28.85
CA LYS B 126 12.81 8.04 29.89
C LYS B 126 11.61 7.33 30.51
N ALA B 127 10.78 6.75 29.64
CA ALA B 127 9.56 6.07 30.07
C ALA B 127 9.86 4.90 31.01
N LEU B 128 10.88 4.12 30.65
CA LEU B 128 11.20 2.90 31.40
C LEU B 128 12.21 3.12 32.51
N HIS B 129 13.27 3.88 32.20
CA HIS B 129 14.39 4.13 33.13
C HIS B 129 14.83 2.87 33.89
N ASP B 130 14.93 1.77 33.15
CA ASP B 130 15.26 0.47 33.72
C ASP B 130 15.58 -0.46 32.54
N LYS B 131 16.86 -0.75 32.35
CA LYS B 131 17.30 -1.52 31.19
C LYS B 131 16.76 -2.96 31.19
N ASN B 132 16.29 -3.41 32.34
CA ASN B 132 15.75 -4.76 32.49
C ASN B 132 14.33 -4.94 31.93
N LYS B 133 13.63 -3.83 31.71
CA LYS B 133 12.23 -3.87 31.28
C LYS B 133 12.06 -4.27 29.82
N GLU B 134 10.92 -4.85 29.51
CA GLU B 134 10.67 -5.42 28.18
C GLU B 134 10.12 -4.41 27.18
N ILE B 135 10.77 -4.34 26.02
CA ILE B 135 10.34 -3.45 24.95
C ILE B 135 9.92 -4.25 23.73
N LEU B 136 8.76 -3.91 23.17
CA LEU B 136 8.37 -4.43 21.87
C LEU B 136 8.33 -3.28 20.87
N VAL B 137 9.04 -3.44 19.76
CA VAL B 137 9.04 -2.45 18.70
C VAL B 137 8.15 -2.94 17.55
N ILE B 138 7.11 -2.18 17.21
CA ILE B 138 6.30 -2.50 16.03
C ILE B 138 6.45 -1.42 14.96
N ALA B 139 6.71 -1.87 13.74
CA ALA B 139 6.98 -0.95 12.65
C ALA B 139 6.66 -1.62 11.32
N THR B 140 7.04 -0.95 10.23
CA THR B 140 6.96 -1.56 8.92
C THR B 140 8.06 -2.59 8.78
N LYS B 141 7.97 -3.41 7.74
N LYS B 141 7.97 -3.43 7.75
CA LYS B 141 8.98 -4.42 7.43
CA LYS B 141 8.99 -4.42 7.45
C LYS B 141 10.36 -3.79 7.27
C LYS B 141 10.36 -3.76 7.31
N ALA B 142 10.43 -2.71 6.50
CA ALA B 142 11.70 -2.04 6.25
C ALA B 142 12.33 -1.49 7.53
N THR B 143 11.52 -0.87 8.39
CA THR B 143 12.02 -0.30 9.63
C THR B 143 12.58 -1.39 10.55
N ILE B 144 11.82 -2.46 10.73
CA ILE B 144 12.26 -3.59 11.54
C ILE B 144 13.56 -4.18 11.02
N LYS B 145 13.66 -4.32 9.69
CA LYS B 145 14.83 -4.92 9.05
C LYS B 145 16.06 -4.04 9.20
N SER B 146 15.85 -2.73 9.33
CA SER B 146 16.97 -1.80 9.49
C SER B 146 17.71 -2.04 10.80
N GLU B 147 17.01 -2.62 11.78
CA GLU B 147 17.54 -2.87 13.11
C GLU B 147 17.98 -1.60 13.84
N GLU B 148 17.47 -0.44 13.39
CA GLU B 148 17.87 0.83 13.98
C GLU B 148 17.43 0.99 15.44
N TYR B 149 16.16 0.68 15.72
CA TYR B 149 15.66 0.69 17.09
C TYR B 149 16.43 -0.30 17.96
N GLN B 150 16.52 -1.55 17.50
CA GLN B 150 17.27 -2.60 18.17
C GLN B 150 18.70 -2.17 18.51
N LYS B 151 19.40 -1.63 17.52
CA LYS B 151 20.80 -1.23 17.72
C LYS B 151 20.97 -0.11 18.74
N ARG B 152 20.08 0.87 18.72
N ARG B 152 20.08 0.87 18.71
CA ARG B 152 20.16 2.00 19.64
CA ARG B 152 20.15 2.00 19.63
C ARG B 152 19.86 1.56 21.08
C ARG B 152 19.84 1.59 21.07
N LEU B 153 18.80 0.78 21.24
CA LEU B 153 18.41 0.28 22.56
C LEU B 153 19.50 -0.57 23.19
N LEU B 154 20.05 -1.50 22.40
CA LEU B 154 21.08 -2.41 22.87
C LEU B 154 22.30 -1.67 23.37
N SER B 155 22.71 -0.63 22.63
CA SER B 155 23.88 0.16 23.03
C SER B 155 23.64 0.89 24.36
N GLN B 156 22.38 1.04 24.74
CA GLN B 156 22.03 1.65 26.02
C GLN B 156 21.80 0.58 27.09
N GLY B 157 22.01 -0.67 26.71
CA GLY B 157 21.92 -1.77 27.66
C GLY B 157 20.54 -2.40 27.71
N TYR B 158 19.61 -1.86 26.96
CA TYR B 158 18.27 -2.43 26.93
C TYR B 158 18.25 -3.66 26.01
N THR B 159 18.35 -4.84 26.60
CA THR B 159 18.53 -6.07 25.82
C THR B 159 17.31 -6.98 25.84
N ASN B 160 16.24 -6.56 26.53
N ASN B 160 16.25 -6.53 26.50
CA ASN B 160 15.01 -7.33 26.55
CA ASN B 160 15.00 -7.28 26.58
C ASN B 160 14.03 -6.79 25.54
C ASN B 160 14.02 -6.77 25.53
N ILE B 161 14.35 -6.97 24.26
CA ILE B 161 13.60 -6.36 23.18
C ILE B 161 13.16 -7.33 22.09
N ASN B 162 11.95 -7.10 21.59
N ASN B 162 11.95 -7.14 21.58
CA ASN B 162 11.44 -7.80 20.41
CA ASN B 162 11.55 -7.82 20.36
C ASN B 162 11.11 -6.77 19.34
C ASN B 162 11.08 -6.82 19.33
N ALA B 163 11.37 -7.11 18.08
CA ALA B 163 11.03 -6.23 16.98
C ALA B 163 10.10 -7.01 16.06
N LEU B 164 8.98 -6.40 15.72
CA LEU B 164 7.94 -7.10 14.98
C LEU B 164 7.38 -6.22 13.88
N ALA B 165 7.35 -6.73 12.67
CA ALA B 165 6.73 -6.02 11.56
C ALA B 165 5.22 -6.25 11.59
N THR B 166 4.47 -5.17 11.59
CA THR B 166 3.01 -5.25 11.60
C THR B 166 2.48 -4.41 10.45
N GLY B 167 2.83 -4.81 9.23
CA GLY B 167 2.62 -3.96 8.06
C GLY B 167 1.18 -3.65 7.71
N LEU B 168 0.26 -4.55 8.04
CA LEU B 168 -1.12 -4.37 7.63
C LEU B 168 -1.77 -3.21 8.36
N PHE B 169 -1.17 -2.79 9.47
CA PHE B 169 -1.70 -1.67 10.24
C PHE B 169 -1.78 -0.37 9.41
N VAL B 170 -0.80 -0.16 8.55
CA VAL B 170 -0.77 1.04 7.70
C VAL B 170 -1.98 1.16 6.76
N PRO B 171 -2.23 0.17 5.88
CA PRO B 171 -3.39 0.34 5.00
C PRO B 171 -4.73 0.25 5.73
N MET B 172 -4.76 -0.43 6.87
CA MET B 172 -5.99 -0.50 7.65
C MET B 172 -6.31 0.88 8.21
N VAL B 173 -5.28 1.56 8.70
CA VAL B 173 -5.43 2.92 9.20
C VAL B 173 -5.89 3.84 8.09
N GLU B 174 -5.35 3.63 6.89
CA GLU B 174 -5.71 4.47 5.75
C GLU B 174 -7.12 4.25 5.22
N GLU B 175 -7.76 3.12 5.56
N GLU B 175 -7.73 3.12 5.60
CA GLU B 175 -9.17 2.96 5.23
CA GLU B 175 -9.13 2.85 5.27
C GLU B 175 -10.00 3.66 6.31
C GLU B 175 -10.06 3.18 6.44
N GLY B 176 -9.48 3.68 7.53
CA GLY B 176 -10.24 4.19 8.65
C GLY B 176 -10.62 3.13 9.66
N ILE B 177 -9.90 2.01 9.64
CA ILE B 177 -10.14 0.94 10.61
C ILE B 177 -9.24 1.11 11.83
N PHE B 178 -9.83 1.64 12.91
CA PHE B 178 -9.09 1.98 14.11
C PHE B 178 -9.51 1.08 15.27
N GLU B 179 -10.54 0.26 15.02
CA GLU B 179 -11.03 -0.72 15.98
C GLU B 179 -12.03 -1.67 15.34
N GLY B 180 -12.55 -2.60 16.13
CA GLY B 180 -13.52 -3.57 15.64
C GLY B 180 -12.94 -4.97 15.54
N ASP B 181 -13.76 -5.93 15.15
N ASP B 181 -13.78 -5.92 15.16
CA ASP B 181 -13.31 -7.33 15.08
CA ASP B 181 -13.39 -7.32 15.02
C ASP B 181 -12.30 -7.58 13.97
C ASP B 181 -12.26 -7.52 14.02
N PHE B 182 -12.33 -6.76 12.92
CA PHE B 182 -11.34 -6.85 11.86
C PHE B 182 -9.96 -6.44 12.40
N LEU B 183 -9.91 -5.31 13.09
CA LEU B 183 -8.64 -4.87 13.68
C LEU B 183 -8.21 -5.80 14.82
N GLN B 184 -9.20 -6.31 15.56
CA GLN B 184 -8.94 -7.27 16.63
C GLN B 184 -8.22 -8.50 16.08
N SER B 185 -8.71 -9.01 14.95
N SER B 185 -8.71 -9.02 14.96
CA SER B 185 -8.09 -10.18 14.32
CA SER B 185 -8.10 -10.18 14.32
C SER B 185 -6.70 -9.85 13.80
C SER B 185 -6.70 -9.85 13.81
N ALA B 186 -6.50 -8.59 13.41
CA ALA B 186 -5.21 -8.14 12.92
C ALA B 186 -4.18 -8.19 14.04
N MET B 187 -4.59 -7.72 15.22
CA MET B 187 -3.68 -7.73 16.36
C MET B 187 -3.42 -9.15 16.83
N GLU B 188 -4.47 -9.98 16.86
CA GLU B 188 -4.30 -11.38 17.23
C GLU B 188 -3.35 -12.09 16.27
N TYR B 189 -3.47 -11.76 14.99
CA TYR B 189 -2.57 -12.31 13.97
C TYR B 189 -1.11 -11.97 14.27
N TYR B 190 -0.82 -10.69 14.48
CA TYR B 190 0.55 -10.27 14.72
C TYR B 190 1.05 -10.61 16.13
N PHE B 191 0.18 -10.51 17.12
CA PHE B 191 0.63 -10.58 18.51
C PHE B 191 0.42 -11.93 19.21
N LYS B 192 -0.04 -12.93 18.46
CA LYS B 192 -0.13 -14.26 19.02
C LYS B 192 1.25 -14.72 19.47
N ASN B 193 1.31 -15.39 20.60
CA ASN B 193 2.54 -15.98 21.12
C ASN B 193 3.66 -14.99 21.45
N ILE B 194 3.33 -13.70 21.54
CA ILE B 194 4.31 -12.72 21.99
C ILE B 194 3.99 -12.19 23.38
N THR B 195 5.03 -11.97 24.18
CA THR B 195 4.84 -11.52 25.56
C THR B 195 4.48 -10.05 25.64
N THR B 196 3.72 -9.69 26.67
CA THR B 196 3.30 -8.31 26.89
C THR B 196 4.49 -7.47 27.33
N PRO B 197 4.79 -6.40 26.58
CA PRO B 197 5.97 -5.59 26.85
C PRO B 197 5.69 -4.53 27.92
N ASP B 198 6.75 -4.04 28.56
CA ASP B 198 6.63 -2.91 29.46
C ASP B 198 6.42 -1.64 28.64
N ALA B 199 6.97 -1.64 27.42
CA ALA B 199 6.85 -0.50 26.54
C ALA B 199 6.63 -0.91 25.09
N LEU B 200 5.67 -0.26 24.45
N LEU B 200 5.67 -0.27 24.44
CA LEU B 200 5.38 -0.50 23.05
CA LEU B 200 5.34 -0.56 23.04
C LEU B 200 5.81 0.73 22.26
C LEU B 200 5.61 0.66 22.17
N ILE B 201 6.73 0.55 21.33
N ILE B 201 6.75 0.68 21.50
CA ILE B 201 7.17 1.67 20.50
CA ILE B 201 7.10 1.82 20.66
C ILE B 201 6.36 1.73 19.22
C ILE B 201 6.40 1.77 19.30
N LEU B 202 5.54 2.77 19.08
CA LEU B 202 4.77 2.93 17.86
C LEU B 202 5.67 3.49 16.78
N ALA B 203 6.53 2.62 16.22
CA ALA B 203 7.59 3.08 15.34
C ALA B 203 7.10 3.16 13.90
N CYS B 204 6.00 3.87 13.70
CA CYS B 204 5.37 4.05 12.39
C CYS B 204 4.33 5.15 12.54
N THR B 205 4.37 6.13 11.64
CA THR B 205 3.55 7.33 11.74
C THR B 205 2.07 7.00 11.87
N HIS B 206 1.68 5.84 11.35
CA HIS B 206 0.28 5.46 11.25
C HIS B 206 -0.25 4.91 12.56
N PHE B 207 0.66 4.41 13.38
CA PHE B 207 0.29 3.61 14.55
C PHE B 207 -0.43 4.32 15.71
N PRO B 208 -0.18 5.64 15.92
CA PRO B 208 -0.97 6.33 16.96
C PRO B 208 -2.48 6.25 16.75
N LEU B 209 -2.91 6.07 15.51
CA LEU B 209 -4.35 6.02 15.22
C LEU B 209 -4.96 4.73 15.78
N LEU B 210 -4.09 3.78 16.10
CA LEU B 210 -4.50 2.51 16.68
C LEU B 210 -4.17 2.46 18.16
N GLY B 211 -3.83 3.62 18.73
CA GLY B 211 -3.34 3.70 20.10
C GLY B 211 -4.22 3.07 21.15
N ARG B 212 -5.47 3.46 21.18
CA ARG B 212 -6.40 2.93 22.15
C ARG B 212 -6.66 1.45 22.02
N SER B 213 -6.74 0.97 20.79
CA SER B 213 -6.94 -0.45 20.53
C SER B 213 -5.72 -1.27 20.92
N LEU B 214 -4.53 -0.73 20.65
CA LEU B 214 -3.30 -1.42 21.01
C LEU B 214 -3.18 -1.48 22.52
N SER B 215 -3.51 -0.38 23.18
CA SER B 215 -3.46 -0.32 24.64
C SER B 215 -4.44 -1.30 25.25
N LYS B 216 -5.66 -1.36 24.68
CA LYS B 216 -6.68 -2.28 25.16
C LYS B 216 -6.24 -3.73 25.02
N TYR B 217 -5.58 -4.03 23.90
CA TYR B 217 -5.12 -5.39 23.63
C TYR B 217 -4.01 -5.82 24.60
N PHE B 218 -3.09 -4.92 24.90
CA PHE B 218 -1.94 -5.25 25.74
C PHE B 218 -2.22 -5.07 27.23
N GLY B 219 -2.96 -4.03 27.59
CA GLY B 219 -3.27 -3.77 28.98
C GLY B 219 -2.54 -2.56 29.53
N ASP B 220 -2.74 -2.27 30.82
CA ASP B 220 -2.23 -1.06 31.45
C ASP B 220 -0.72 -1.04 31.68
N LYS B 221 -0.12 -2.21 31.90
CA LYS B 221 1.31 -2.31 32.19
C LYS B 221 2.18 -1.85 31.01
N THR B 222 1.56 -1.70 29.85
CA THR B 222 2.29 -1.40 28.63
C THR B 222 2.22 0.08 28.24
N LYS B 223 3.34 0.78 28.41
N LYS B 223 3.34 0.77 28.40
CA LYS B 223 3.42 2.17 27.99
CA LYS B 223 3.45 2.17 27.99
C LYS B 223 3.64 2.26 26.48
C LYS B 223 3.64 2.26 26.48
N LEU B 224 2.80 3.05 25.83
CA LEU B 224 2.91 3.28 24.40
C LEU B 224 3.78 4.50 24.15
N ILE B 225 4.77 4.34 23.27
CA ILE B 225 5.69 5.42 22.95
C ILE B 225 5.37 6.02 21.58
N HIS B 226 4.91 7.26 21.59
CA HIS B 226 4.44 7.99 20.42
C HIS B 226 5.58 8.76 19.74
N SER B 227 5.79 8.50 18.46
CA SER B 227 6.92 9.10 17.74
C SER B 227 6.87 10.63 17.68
N GLY B 228 5.68 11.17 17.47
CA GLY B 228 5.48 12.61 17.39
C GLY B 228 5.76 13.31 18.71
N ASP B 229 5.22 12.76 19.79
CA ASP B 229 5.44 13.31 21.11
C ASP B 229 6.92 13.22 21.44
N ALA B 230 7.54 12.12 21.00
CA ALA B 230 8.95 11.88 21.23
C ALA B 230 9.83 12.93 20.55
N ILE B 231 9.56 13.20 19.28
CA ILE B 231 10.37 14.20 18.57
C ILE B 231 10.20 15.61 19.19
N VAL B 232 9.02 15.90 19.73
CA VAL B 232 8.79 17.15 20.46
C VAL B 232 9.71 17.28 21.70
N GLU B 233 9.67 16.28 22.56
CA GLU B 233 10.54 16.27 23.74
C GLU B 233 12.01 16.26 23.33
N PHE B 234 12.31 15.59 22.24
CA PHE B 234 13.66 15.56 21.68
C PHE B 234 14.15 16.98 21.36
N LEU B 235 13.33 17.73 20.62
CA LEU B 235 13.67 19.09 20.23
C LEU B 235 13.75 20.04 21.42
N LYS B 236 12.86 19.85 22.40
CA LYS B 236 12.79 20.74 23.55
C LYS B 236 14.00 20.60 24.48
N GLU B 237 14.62 19.44 24.46
CA GLU B 237 15.78 19.19 25.32
C GLU B 237 17.07 19.66 24.68
N ARG B 238 17.05 19.87 23.37
CA ARG B 238 18.24 20.30 22.64
C ARG B 238 18.19 21.75 22.20
N GLU B 239 16.98 22.31 22.16
CA GLU B 239 16.80 23.67 21.69
C GLU B 239 16.08 24.53 22.72
N ASN B 240 16.47 25.79 22.83
CA ASN B 240 15.75 26.75 23.65
C ASN B 240 14.63 27.39 22.84
N ILE B 241 13.51 26.67 22.71
CA ILE B 241 12.39 27.18 21.93
C ILE B 241 11.31 27.71 22.86
N ASP B 242 10.94 28.97 22.67
CA ASP B 242 9.88 29.57 23.45
C ASP B 242 8.54 29.11 22.89
N LEU B 243 7.60 28.79 23.79
CA LEU B 243 6.28 28.34 23.38
C LEU B 243 5.49 29.51 22.79
N LYS B 244 5.20 29.41 21.49
CA LYS B 244 4.56 30.51 20.77
C LYS B 244 3.14 30.78 21.25
N ASN B 245 2.72 32.03 21.15
CA ASN B 245 1.36 32.40 21.50
C ASN B 245 0.41 31.96 20.40
N HIS B 246 0.89 31.99 19.16
CA HIS B 246 0.09 31.63 17.99
C HIS B 246 0.49 30.27 17.43
N LYS B 247 -0.45 29.62 16.75
CA LYS B 247 -0.17 28.34 16.10
C LYS B 247 0.55 28.57 14.78
N ALA B 248 1.19 27.53 14.27
CA ALA B 248 1.97 27.66 13.04
C ALA B 248 1.09 27.78 11.81
N LYS B 249 1.55 28.58 10.86
CA LYS B 249 0.96 28.57 9.54
C LYS B 249 1.33 27.24 8.90
N LEU B 250 0.32 26.46 8.52
CA LEU B 250 0.54 25.14 7.95
C LEU B 250 0.44 25.18 6.43
N HIS B 251 1.44 24.63 5.76
CA HIS B 251 1.40 24.52 4.30
C HIS B 251 1.53 23.06 3.88
N PHE B 252 0.56 22.58 3.10
CA PHE B 252 0.53 21.19 2.69
C PHE B 252 0.89 21.01 1.23
N TYR B 253 1.78 20.06 0.97
CA TYR B 253 2.13 19.69 -0.40
C TYR B 253 2.10 18.18 -0.55
N ALA B 254 1.85 17.70 -1.76
CA ALA B 254 1.80 16.27 -2.02
C ALA B 254 2.15 15.97 -3.47
N SER B 255 2.73 14.79 -3.72
CA SER B 255 3.07 14.38 -5.07
C SER B 255 1.83 13.91 -5.83
N SER B 256 0.72 13.75 -5.13
CA SER B 256 -0.57 13.46 -5.76
C SER B 256 -1.74 13.81 -4.84
N ASP B 257 -2.80 14.35 -5.44
CA ASP B 257 -4.05 14.66 -4.75
C ASP B 257 -3.86 15.41 -3.42
N VAL B 258 -3.29 16.61 -3.51
CA VAL B 258 -3.00 17.41 -2.32
C VAL B 258 -4.26 17.76 -1.51
N GLU B 259 -5.39 17.92 -2.20
CA GLU B 259 -6.65 18.21 -1.53
C GLU B 259 -7.09 17.09 -0.59
N SER B 260 -6.76 15.86 -0.94
N SER B 260 -6.76 15.86 -0.94
CA SER B 260 -7.12 14.71 -0.12
CA SER B 260 -7.10 14.70 -0.12
C SER B 260 -6.27 14.67 1.15
C SER B 260 -6.27 14.67 1.15
N LEU B 261 -5.00 15.05 1.03
CA LEU B 261 -4.11 15.12 2.18
C LEU B 261 -4.57 16.25 3.10
N LYS B 262 -4.95 17.38 2.51
CA LYS B 262 -5.44 18.52 3.28
C LYS B 262 -6.72 18.15 4.01
N ASN B 263 -7.60 17.42 3.32
CA ASN B 263 -8.84 16.95 3.92
C ASN B 263 -8.58 16.10 5.16
N THR B 264 -7.70 15.12 5.03
CA THR B 264 -7.32 14.28 6.15
C THR B 264 -6.69 15.13 7.24
N ALA B 265 -5.80 16.04 6.83
CA ALA B 265 -5.08 16.91 7.75
C ALA B 265 -6.02 17.72 8.64
N LYS B 266 -7.04 18.31 8.02
CA LYS B 266 -7.99 19.16 8.73
C LYS B 266 -8.84 18.38 9.72
N ILE B 267 -9.01 17.09 9.45
CA ILE B 267 -9.75 16.21 10.36
C ILE B 267 -8.86 15.74 11.50
N TRP B 268 -7.69 15.23 11.14
CA TRP B 268 -6.75 14.69 12.11
C TRP B 268 -6.22 15.75 13.08
N LEU B 269 -5.89 16.92 12.54
CA LEU B 269 -5.32 17.99 13.34
C LEU B 269 -6.39 18.99 13.81
N ASN B 270 -7.63 18.78 13.38
CA ASN B 270 -8.75 19.60 13.81
C ASN B 270 -8.51 21.06 13.45
N LEU B 271 -8.24 21.30 12.16
CA LEU B 271 -7.80 22.61 11.68
C LEU B 271 -8.91 23.65 11.50
N LEU B 272 -10.16 23.21 11.54
CA LEU B 272 -11.26 24.13 11.30
C LEU B 272 -11.93 24.62 12.58
N ARG B 273 -11.24 24.47 13.70
N ARG B 273 -11.23 24.49 13.70
CA ARG B 273 -11.75 24.96 14.99
CA ARG B 273 -11.74 24.97 14.98
C ARG B 273 -11.21 26.35 15.30
C ARG B 273 -11.20 26.35 15.30
N LYS B 274 -11.40 26.78 16.55
CA LYS B 274 -10.93 28.10 17.01
C LYS B 274 -11.51 29.25 16.20
N DGL C . -2.76 -4.16 -9.81
CA DGL C . -3.88 -3.50 -9.13
C DGL C . -5.21 -3.85 -9.77
O DGL C . -5.34 -4.87 -10.46
CB DGL C . -3.89 -3.88 -7.65
CG DGL C . -2.71 -3.33 -6.88
CD DGL C . -2.65 -1.82 -6.96
OE1 DGL C . -3.48 -1.17 -6.27
OE2 DGL C . -1.80 -1.31 -7.70
OXT DGL C . -6.19 -3.13 -9.61
C1 EDO D . -6.10 -0.53 -30.17
O1 EDO D . -5.04 -0.59 -29.22
C2 EDO D . -6.80 -1.88 -30.20
O2 EDO D . -7.72 -1.92 -31.30
CA CA E . -3.02 3.20 -31.43
CL CL F . -9.71 3.45 -19.52
C1 EDO G . -13.04 -17.02 -15.07
O1 EDO G . -13.74 -18.26 -14.96
C2 EDO G . -12.86 -16.66 -16.54
O2 EDO G . -12.45 -15.29 -16.62
N DGL H . 5.35 6.66 7.04
CA DGL H . 5.68 5.24 7.19
C DGL H . 6.46 4.99 8.48
O DGL H . 6.42 5.76 9.43
CB DGL H . 4.40 4.40 7.16
CG DGL H . 3.75 4.33 5.80
CD DGL H . 4.72 3.89 4.73
OE1 DGL H . 5.02 2.68 4.66
OE2 DGL H . 5.20 4.75 3.96
OXT DGL H . 7.15 3.98 8.60
C1 EDO I . 3.02 25.49 16.19
O1 EDO I . 1.65 25.23 15.87
C2 EDO I . 3.95 24.47 15.57
O2 EDO I . 5.22 24.55 16.21
C1 EDO J . 16.17 12.64 16.15
O1 EDO J . 15.45 11.47 16.55
C2 EDO J . 17.46 12.28 15.42
O2 EDO J . 17.21 12.07 14.03
CL CL K . 16.44 9.29 13.93
CL CL L . 19.38 6.31 8.55
CA CA M . 24.83 18.98 7.21
C1 EDO N . 6.97 9.82 23.48
O1 EDO N . 7.33 10.99 24.24
C2 EDO N . 5.54 9.40 23.77
O2 EDO N . 5.45 8.75 25.05
#